data_4ED7
#
_entry.id   4ED7
#
_cell.length_a   98.786
_cell.length_b   98.786
_cell.length_c   82.431
_cell.angle_alpha   90.00
_cell.angle_beta   90.00
_cell.angle_gamma   120.00
#
_symmetry.space_group_name_H-M   'P 61'
#
loop_
_entity.id
_entity.type
_entity.pdbx_description
1 polymer 'DNA polymerase eta'
2 polymer "DNA (5'-D(*CP*AP*TP*TP*AP*TP*GP*AP*CP*GP*CP*G)-3')"
3 polymer "DNA (5'-D(*TP*GP*CP*GP*TP*CP*AP*T)-3')"
4 non-polymer 'CALCIUM ION'
5 non-polymer GLYCEROL
6 non-polymer "2'-DEOXYADENOSINE 5'-TRIPHOSPHATE"
7 water water
#
loop_
_entity_poly.entity_id
_entity_poly.type
_entity_poly.pdbx_seq_one_letter_code
_entity_poly.pdbx_strand_id
1 'polypeptide(L)'
;GPHMATGQDRVVALVDMDCFFVQVEQRQNPHLRNKPCAVVQYKSWKGGGIIAVSYEARAFGVTRSMWADDAKKLCPDLLL
AQVRESRGKANLTKYREASVEVMEIMSRFAVIERASIDEAYVDLTSAVQERLQKLQGQPISADLLPSTYIEGLPQGPTTA
EETVQKEGMRKQGLFQWLDSLQIDNLTSPDLQLTVGAVIVEEMRAAIERETGFQCSAGISHNKVLAKLACGLNKPNRQTL
VSHGSVPQLFSQMPIRKIRSLGGKLGASVIEILGIEYMGELTQFTESQLQSHFGEKNGSWLYAMCRGIEHDPVKPRQLPK
TIGCSKNFPGKTALATREQVQWWLLQLAQELEERLTKDRNDNDRVATQLVVSIRVQGDKRLSSLRRCCALTRYDAHKMSH
DAFTVIKNCNTSGIQTEWSPPLTMLFLCATKFSAS
;
A
2 'polydeoxyribonucleotide' (DC)(DA)(DT)(DT)(DA)(DT)(DG)(DA)(DC)(DG)(DC)(DG) T
3 'polydeoxyribonucleotide' (DT)(DG)(DC)(DG)(DT)(DC)(DA)(DT) P
#
loop_
_chem_comp.id
_chem_comp.type
_chem_comp.name
_chem_comp.formula
CA non-polymer 'CALCIUM ION' 'Ca 2'
DA DNA linking 2'-DEOXYADENOSINE-5'-MONOPHOSPHATE 'C10 H14 N5 O6 P'
DC DNA linking 2'-DEOXYCYTIDINE-5'-MONOPHOSPHATE 'C9 H14 N3 O7 P'
DG DNA linking 2'-DEOXYGUANOSINE-5'-MONOPHOSPHATE 'C10 H14 N5 O7 P'
DT DNA linking THYMIDINE-5'-MONOPHOSPHATE 'C10 H15 N2 O8 P'
DTP non-polymer '2'-DEOXYADENOSINE 5'-TRIPHOSPHATE' 'C10 H16 N5 O12 P3'
GOL non-polymer GLYCEROL 'C3 H8 O3'
#
# COMPACT_ATOMS: atom_id res chain seq x y z
N GLY A 1 -18.38 30.72 5.78
CA GLY A 1 -19.68 30.49 6.38
C GLY A 1 -20.49 29.41 5.69
N PRO A 2 -21.61 29.81 5.05
CA PRO A 2 -22.56 28.90 4.39
C PRO A 2 -22.06 28.39 3.04
N HIS A 3 -20.95 28.94 2.55
CA HIS A 3 -20.44 28.59 1.23
C HIS A 3 -19.06 27.93 1.29
N MET A 4 -18.54 27.78 2.50
CA MET A 4 -17.23 27.19 2.69
C MET A 4 -17.32 25.67 2.77
N ALA A 5 -16.87 25.00 1.71
CA ALA A 5 -16.88 23.55 1.66
C ALA A 5 -16.09 22.97 2.81
N THR A 6 -16.49 21.79 3.28
CA THR A 6 -15.84 21.20 4.44
C THR A 6 -15.30 19.80 4.15
N GLY A 7 -15.47 19.36 2.90
CA GLY A 7 -14.95 18.07 2.48
C GLY A 7 -15.48 16.94 3.34
N GLN A 8 -16.78 16.98 3.61
CA GLN A 8 -17.43 15.95 4.41
C GLN A 8 -18.48 15.18 3.61
N ASP A 9 -18.32 15.21 2.28
CA ASP A 9 -19.29 14.68 1.34
C ASP A 9 -19.27 13.15 1.18
N ARG A 10 -18.15 12.52 1.53
CA ARG A 10 -17.96 11.10 1.28
C ARG A 10 -17.59 10.37 2.56
N VAL A 11 -17.82 9.06 2.58
CA VAL A 11 -17.22 8.20 3.60
C VAL A 11 -16.24 7.27 2.88
N VAL A 12 -14.97 7.34 3.25
CA VAL A 12 -13.92 6.56 2.58
C VAL A 12 -13.15 5.78 3.63
N ALA A 13 -12.85 4.52 3.34
CA ALA A 13 -12.04 3.72 4.24
C ALA A 13 -10.79 3.25 3.53
N LEU A 14 -9.75 2.97 4.31
CA LEU A 14 -8.54 2.36 3.80
C LEU A 14 -8.28 1.15 4.67
N VAL A 15 -8.23 -0.02 4.05
CA VAL A 15 -7.95 -1.28 4.74
C VAL A 15 -6.53 -1.70 4.40
N ASP A 16 -5.77 -2.07 5.43
CA ASP A 16 -4.33 -2.33 5.30
C ASP A 16 -4.05 -3.64 6.08
N MET A 17 -3.65 -4.71 5.39
CA MET A 17 -3.43 -5.98 6.10
C MET A 17 -2.27 -5.83 7.08
N ASP A 18 -2.37 -6.42 8.26
CA ASP A 18 -1.25 -6.40 9.19
C ASP A 18 -0.13 -7.33 8.73
N CYS A 19 1.12 -6.88 8.92
CA CYS A 19 2.31 -7.65 8.52
C CYS A 19 2.00 -8.74 7.48
N PHE A 20 1.59 -8.31 6.29
CA PHE A 20 0.89 -9.19 5.35
C PHE A 20 1.62 -10.49 4.99
N PHE A 21 2.84 -10.37 4.48
CA PHE A 21 3.53 -11.59 4.00
C PHE A 21 3.74 -12.56 5.16
N VAL A 22 3.99 -12.00 6.34
CA VAL A 22 4.11 -12.82 7.55
C VAL A 22 2.82 -13.61 7.83
N GLN A 23 1.68 -12.94 7.78
CA GLN A 23 0.42 -13.63 8.01
C GLN A 23 0.19 -14.74 6.99
N VAL A 24 0.58 -14.49 5.74
CA VAL A 24 0.42 -15.50 4.69
C VAL A 24 1.23 -16.74 5.06
N GLU A 25 2.46 -16.53 5.51
CA GLU A 25 3.32 -17.64 5.90
C GLU A 25 2.85 -18.31 7.19
N GLN A 26 2.26 -17.54 8.11
CA GLN A 26 1.78 -18.09 9.38
C GLN A 26 0.51 -18.91 9.22
N ARG A 27 -0.34 -18.52 8.27
CA ARG A 27 -1.54 -19.30 7.99
C ARG A 27 -1.09 -20.67 7.48
N GLN A 28 -0.09 -20.68 6.60
CA GLN A 28 0.37 -21.91 5.98
C GLN A 28 1.12 -22.81 6.97
N ASN A 29 1.90 -22.20 7.84
CA ASN A 29 2.74 -22.94 8.79
C ASN A 29 2.42 -22.52 10.21
N PRO A 30 1.53 -23.25 10.88
CA PRO A 30 1.07 -22.89 12.23
C PRO A 30 2.20 -22.76 13.26
N HIS A 31 3.34 -23.41 13.01
CA HIS A 31 4.51 -23.26 13.90
C HIS A 31 4.98 -21.81 14.00
N LEU A 32 4.64 -21.00 13.00
CA LEU A 32 5.07 -19.60 12.97
C LEU A 32 4.10 -18.67 13.70
N ARG A 33 2.91 -19.17 14.01
CA ARG A 33 1.86 -18.32 14.60
C ARG A 33 2.23 -17.82 16.01
N ASN A 34 1.90 -16.57 16.28
CA ASN A 34 2.17 -15.96 17.59
C ASN A 34 3.64 -16.07 18.01
N LYS A 35 4.54 -15.87 17.05
CA LYS A 35 5.98 -15.93 17.28
C LYS A 35 6.65 -14.69 16.69
N PRO A 36 7.81 -14.32 17.22
CA PRO A 36 8.64 -13.36 16.48
C PRO A 36 9.10 -14.05 15.20
N CYS A 37 8.65 -13.54 14.06
CA CYS A 37 8.86 -14.17 12.78
CA CYS A 37 9.04 -14.14 12.81
C CYS A 37 9.09 -13.09 11.71
N ALA A 38 9.79 -13.43 10.64
CA ALA A 38 9.95 -12.50 9.52
C ALA A 38 9.95 -13.28 8.24
N VAL A 39 9.66 -12.58 7.15
CA VAL A 39 9.79 -13.15 5.81
C VAL A 39 11.03 -12.58 5.16
N VAL A 40 11.82 -13.45 4.56
CA VAL A 40 13.13 -13.07 4.00
C VAL A 40 13.20 -13.51 2.54
N GLN A 41 13.97 -12.79 1.73
CA GLN A 41 14.27 -13.29 0.39
C GLN A 41 15.76 -13.49 0.19
N TYR A 42 16.16 -14.62 -0.40
N TYR A 42 16.06 -14.61 -0.48
CA TYR A 42 17.58 -14.87 -0.74
CA TYR A 42 17.38 -15.14 -0.62
C TYR A 42 18.53 -15.13 0.44
C TYR A 42 17.87 -15.50 0.78
N LYS A 43 18.58 -16.38 0.91
N LYS A 43 18.89 -16.32 0.88
CA LYS A 43 19.28 -16.74 2.15
CA LYS A 43 19.37 -16.75 2.19
C LYS A 43 20.81 -16.51 2.20
C LYS A 43 20.86 -16.64 2.24
N SER A 44 21.48 -16.70 1.06
CA SER A 44 22.94 -16.73 0.98
C SER A 44 23.69 -15.47 1.39
N TRP A 45 23.16 -14.31 1.04
CA TRP A 45 23.86 -13.07 1.34
C TRP A 45 23.37 -12.49 2.67
N LYS A 46 24.18 -12.70 3.71
CA LYS A 46 23.90 -12.12 5.03
C LYS A 46 22.59 -12.62 5.64
N GLY A 47 22.23 -13.86 5.30
CA GLY A 47 21.06 -14.50 5.86
C GLY A 47 19.77 -14.19 5.12
N GLY A 48 19.84 -13.26 4.17
CA GLY A 48 18.66 -12.88 3.40
C GLY A 48 18.12 -11.53 3.81
N GLY A 49 17.40 -10.87 2.91
CA GLY A 49 16.87 -9.55 3.19
C GLY A 49 15.46 -9.66 3.75
N ILE A 50 15.22 -9.02 4.90
CA ILE A 50 13.89 -9.08 5.53
C ILE A 50 12.91 -8.17 4.80
N ILE A 51 11.74 -8.69 4.46
CA ILE A 51 10.75 -7.87 3.77
C ILE A 51 9.43 -7.70 4.54
N ALA A 52 9.22 -8.52 5.57
CA ALA A 52 8.06 -8.38 6.45
C ALA A 52 8.38 -8.91 7.84
N VAL A 53 7.75 -8.33 8.85
CA VAL A 53 8.08 -8.62 10.25
C VAL A 53 6.86 -8.68 11.16
N SER A 54 6.71 -9.77 11.92
CA SER A 54 5.59 -9.90 12.84
C SER A 54 5.73 -8.89 13.97
N TYR A 55 4.60 -8.51 14.56
CA TYR A 55 4.62 -7.52 15.63
C TYR A 55 5.42 -8.00 16.84
N GLU A 56 5.40 -9.31 17.10
CA GLU A 56 6.25 -9.88 18.14
C GLU A 56 7.74 -9.60 17.88
N ALA A 57 8.16 -9.77 16.63
CA ALA A 57 9.56 -9.50 16.25
C ALA A 57 9.88 -8.01 16.25
N ARG A 58 8.92 -7.16 15.89
CA ARG A 58 9.17 -5.72 15.91
C ARG A 58 9.54 -5.22 17.30
N ALA A 59 8.99 -5.86 18.33
CA ALA A 59 9.29 -5.50 19.71
C ALA A 59 10.79 -5.62 20.03
N PHE A 60 11.48 -6.47 19.29
CA PHE A 60 12.92 -6.65 19.45
C PHE A 60 13.73 -5.65 18.61
N GLY A 61 13.03 -4.89 17.76
CA GLY A 61 13.71 -3.94 16.88
C GLY A 61 14.00 -4.47 15.48
N VAL A 62 13.45 -5.62 15.15
CA VAL A 62 13.59 -6.16 13.81
C VAL A 62 12.77 -5.30 12.85
N THR A 63 13.37 -4.95 11.72
CA THR A 63 12.69 -4.15 10.72
C THR A 63 12.89 -4.65 9.30
N ARG A 64 12.06 -4.17 8.39
CA ARG A 64 12.26 -4.39 6.97
C ARG A 64 13.59 -3.78 6.52
N SER A 65 14.19 -4.39 5.50
CA SER A 65 15.47 -3.96 4.93
C SER A 65 16.69 -4.48 5.69
N MET A 66 16.45 -4.99 6.88
CA MET A 66 17.50 -5.53 7.72
C MET A 66 17.93 -6.87 7.14
N TRP A 67 19.22 -7.18 7.21
CA TRP A 67 19.70 -8.53 6.87
C TRP A 67 19.34 -9.49 7.98
N ALA A 68 18.93 -10.72 7.65
CA ALA A 68 18.51 -11.65 8.69
C ALA A 68 19.62 -11.94 9.70
N ASP A 69 20.88 -11.95 9.25
CA ASP A 69 21.99 -12.15 10.18
C ASP A 69 21.97 -11.07 11.26
N ASP A 70 21.64 -9.85 10.85
CA ASP A 70 21.61 -8.72 11.77
C ASP A 70 20.35 -8.75 12.64
N ALA A 71 19.23 -9.17 12.06
CA ALA A 71 18.01 -9.34 12.84
C ALA A 71 18.22 -10.36 13.96
N LYS A 72 18.94 -11.42 13.66
CA LYS A 72 19.24 -12.47 14.65
C LYS A 72 20.02 -11.94 15.84
N LYS A 73 20.82 -10.89 15.61
CA LYS A 73 21.55 -10.26 16.71
C LYS A 73 20.60 -9.62 17.72
N LEU A 74 19.53 -9.02 17.21
CA LEU A 74 18.51 -8.40 18.06
C LEU A 74 17.54 -9.43 18.63
N CYS A 75 17.28 -10.49 17.87
CA CYS A 75 16.24 -11.44 18.22
C CYS A 75 16.70 -12.85 17.84
N PRO A 76 17.47 -13.49 18.73
CA PRO A 76 18.11 -14.78 18.42
C PRO A 76 17.11 -15.90 18.14
N ASP A 77 15.91 -15.78 18.70
CA ASP A 77 14.88 -16.79 18.45
C ASP A 77 13.97 -16.45 17.27
N LEU A 78 14.36 -15.46 16.49
CA LEU A 78 13.57 -15.04 15.32
C LEU A 78 13.34 -16.22 14.38
N LEU A 79 12.08 -16.49 14.03
CA LEU A 79 11.79 -17.54 13.06
C LEU A 79 11.68 -16.92 11.67
N LEU A 80 12.01 -17.69 10.64
CA LEU A 80 12.06 -17.12 9.30
C LEU A 80 11.26 -17.94 8.31
N ALA A 81 10.58 -17.28 7.38
CA ALA A 81 9.98 -17.98 6.25
C ALA A 81 10.57 -17.37 4.98
N GLN A 82 10.94 -18.23 4.03
CA GLN A 82 11.62 -17.76 2.82
C GLN A 82 10.65 -17.56 1.67
N VAL A 83 10.85 -16.48 0.92
CA VAL A 83 10.13 -16.29 -0.33
C VAL A 83 10.53 -17.37 -1.31
N ARG A 84 9.54 -17.91 -2.03
CA ARG A 84 9.78 -18.94 -3.04
C ARG A 84 10.74 -18.43 -4.08
N GLU A 85 11.56 -19.32 -4.63
CA GLU A 85 12.44 -18.96 -5.71
C GLU A 85 12.15 -19.87 -6.89
N SER A 86 12.04 -19.27 -8.07
CA SER A 86 11.80 -20.01 -9.30
C SER A 86 12.55 -19.33 -10.42
N ARG A 87 13.12 -20.12 -11.31
CA ARG A 87 13.88 -19.58 -12.43
C ARG A 87 14.96 -18.61 -11.99
N GLY A 88 15.59 -18.89 -10.85
CA GLY A 88 16.69 -18.09 -10.38
C GLY A 88 16.32 -16.77 -9.72
N LYS A 89 15.03 -16.56 -9.44
CA LYS A 89 14.59 -15.31 -8.84
C LYS A 89 13.48 -15.51 -7.80
N ALA A 90 13.34 -14.53 -6.90
CA ALA A 90 12.22 -14.54 -5.96
C ALA A 90 10.94 -14.54 -6.78
N ASN A 91 9.94 -15.26 -6.29
CA ASN A 91 8.66 -15.34 -6.96
C ASN A 91 7.55 -15.06 -5.96
N LEU A 92 6.79 -14.00 -6.19
CA LEU A 92 5.84 -13.50 -5.17
C LEU A 92 4.41 -14.01 -5.36
N THR A 93 4.24 -15.09 -6.13
CA THR A 93 2.90 -15.55 -6.47
C THR A 93 2.01 -15.85 -5.24
N LYS A 94 2.57 -16.50 -4.23
CA LYS A 94 1.78 -16.83 -3.05
C LYS A 94 1.11 -15.59 -2.43
N TYR A 95 1.85 -14.49 -2.40
CA TYR A 95 1.35 -13.24 -1.81
C TYR A 95 0.37 -12.54 -2.74
N ARG A 96 0.62 -12.60 -4.05
CA ARG A 96 -0.36 -12.05 -5.00
C ARG A 96 -1.69 -12.79 -4.91
N GLU A 97 -1.64 -14.11 -4.77
CA GLU A 97 -2.87 -14.88 -4.68
C GLU A 97 -3.62 -14.63 -3.38
N ALA A 98 -2.88 -14.49 -2.28
CA ALA A 98 -3.48 -14.15 -0.99
C ALA A 98 -4.16 -12.78 -1.05
N SER A 99 -3.56 -11.88 -1.81
CA SER A 99 -4.10 -10.53 -1.99
C SER A 99 -5.44 -10.59 -2.72
N VAL A 100 -5.50 -11.40 -3.76
CA VAL A 100 -6.76 -11.58 -4.47
C VAL A 100 -7.86 -12.09 -3.52
N GLU A 101 -7.51 -13.00 -2.61
CA GLU A 101 -8.49 -13.49 -1.64
C GLU A 101 -9.15 -12.34 -0.88
N VAL A 102 -8.32 -11.44 -0.38
CA VAL A 102 -8.83 -10.32 0.41
C VAL A 102 -9.59 -9.30 -0.44
N MET A 103 -9.03 -8.96 -1.60
CA MET A 103 -9.67 -7.97 -2.46
C MET A 103 -11.05 -8.43 -2.90
N GLU A 104 -11.21 -9.73 -3.16
CA GLU A 104 -12.50 -10.24 -3.61
C GLU A 104 -13.55 -10.17 -2.50
N ILE A 105 -13.14 -10.41 -1.26
CA ILE A 105 -14.04 -10.24 -0.11
C ILE A 105 -14.44 -8.77 0.06
N MET A 106 -13.47 -7.87 -0.01
CA MET A 106 -13.81 -6.47 0.15
C MET A 106 -14.78 -5.99 -0.91
N SER A 107 -14.64 -6.51 -2.12
CA SER A 107 -15.47 -6.09 -3.24
CA SER A 107 -15.48 -6.09 -3.23
C SER A 107 -16.94 -6.45 -3.04
N ARG A 108 -17.22 -7.36 -2.10
CA ARG A 108 -18.62 -7.71 -1.80
C ARG A 108 -19.34 -6.56 -1.14
N PHE A 109 -18.59 -5.77 -0.39
CA PHE A 109 -19.14 -4.67 0.41
C PHE A 109 -19.26 -3.36 -0.38
N ALA A 110 -18.26 -3.08 -1.20
CA ALA A 110 -18.23 -1.84 -1.95
C ALA A 110 -17.20 -1.90 -3.06
N VAL A 111 -17.25 -0.90 -3.94
CA VAL A 111 -16.27 -0.74 -4.99
C VAL A 111 -14.93 -0.40 -4.34
N ILE A 112 -13.88 -1.08 -4.75
CA ILE A 112 -12.57 -0.83 -4.14
C ILE A 112 -11.55 -0.31 -5.14
N GLU A 113 -10.58 0.43 -4.63
CA GLU A 113 -9.41 0.80 -5.40
C GLU A 113 -8.23 0.05 -4.81
N ARG A 114 -7.64 -0.86 -5.60
CA ARG A 114 -6.43 -1.57 -5.17
C ARG A 114 -5.27 -0.60 -5.09
N ALA A 115 -4.79 -0.33 -3.88
CA ALA A 115 -3.72 0.64 -3.70
C ALA A 115 -2.33 -0.01 -3.70
N SER A 116 -2.27 -1.26 -3.28
CA SER A 116 -1.03 -2.01 -3.27
C SER A 116 -1.38 -3.48 -3.07
N ILE A 117 -0.37 -4.33 -2.89
CA ILE A 117 -0.64 -5.75 -2.72
C ILE A 117 -1.52 -6.05 -1.50
N ASP A 118 -1.53 -5.16 -0.50
CA ASP A 118 -2.31 -5.47 0.69
C ASP A 118 -3.13 -4.30 1.23
N GLU A 119 -3.38 -3.31 0.38
CA GLU A 119 -4.19 -2.15 0.77
C GLU A 119 -5.25 -1.86 -0.28
N ALA A 120 -6.43 -1.49 0.18
CA ALA A 120 -7.48 -1.05 -0.73
C ALA A 120 -8.27 0.11 -0.13
N TYR A 121 -8.65 1.06 -0.96
CA TYR A 121 -9.58 2.10 -0.54
C TYR A 121 -10.97 1.65 -0.89
N VAL A 122 -11.93 2.08 -0.07
CA VAL A 122 -13.33 1.71 -0.21
C VAL A 122 -14.14 2.99 -0.14
N ASP A 123 -15.01 3.23 -1.13
CA ASP A 123 -15.95 4.35 -1.02
C ASP A 123 -17.26 3.83 -0.44
N LEU A 124 -17.54 4.21 0.80
CA LEU A 124 -18.67 3.65 1.52
C LEU A 124 -19.88 4.58 1.54
N THR A 125 -19.81 5.67 0.78
CA THR A 125 -20.85 6.68 0.85
C THR A 125 -22.24 6.08 0.61
N SER A 126 -22.38 5.30 -0.44
CA SER A 126 -23.68 4.70 -0.79
CA SER A 126 -23.68 4.71 -0.79
C SER A 126 -24.13 3.66 0.22
N ALA A 127 -23.20 2.80 0.65
CA ALA A 127 -23.49 1.75 1.62
C ALA A 127 -23.98 2.35 2.93
N VAL A 128 -23.35 3.45 3.33
CA VAL A 128 -23.73 4.14 4.55
C VAL A 128 -25.16 4.67 4.46
N GLN A 129 -25.51 5.27 3.33
CA GLN A 129 -26.87 5.78 3.14
C GLN A 129 -27.88 4.65 3.30
N GLU A 130 -27.61 3.52 2.67
CA GLU A 130 -28.52 2.37 2.75
C GLU A 130 -28.68 1.87 4.18
N ARG A 131 -27.56 1.69 4.89
CA ARG A 131 -27.59 1.20 6.26
C ARG A 131 -28.32 2.18 7.18
N LEU A 132 -28.14 3.47 6.95
CA LEU A 132 -28.86 4.49 7.72
C LEU A 132 -30.36 4.36 7.54
N GLN A 133 -30.80 4.06 6.32
CA GLN A 133 -32.22 3.86 6.06
C GLN A 133 -32.76 2.66 6.84
N LYS A 134 -32.03 1.55 6.82
CA LYS A 134 -32.44 0.37 7.57
C LYS A 134 -32.51 0.66 9.07
N LEU A 135 -31.55 1.42 9.57
CA LEU A 135 -31.49 1.76 10.99
C LEU A 135 -32.73 2.52 11.46
N GLN A 136 -33.18 3.46 10.63
CA GLN A 136 -34.35 4.28 10.95
C GLN A 136 -34.25 4.94 12.32
N GLY A 137 -33.31 5.87 12.47
CA GLY A 137 -33.18 6.65 13.68
C GLY A 137 -32.63 5.89 14.87
N GLN A 138 -32.56 4.57 14.74
CA GLN A 138 -32.06 3.73 15.83
C GLN A 138 -30.61 4.04 16.16
N PRO A 139 -30.32 4.23 17.46
CA PRO A 139 -28.97 4.54 17.95
C PRO A 139 -27.94 3.46 17.61
N ILE A 140 -26.68 3.84 17.59
CA ILE A 140 -25.61 2.89 17.29
C ILE A 140 -24.94 2.43 18.57
N SER A 141 -25.05 1.13 18.85
CA SER A 141 -24.47 0.53 20.04
C SER A 141 -22.94 0.43 19.95
N ALA A 142 -22.25 0.64 21.07
CA ALA A 142 -20.82 0.47 21.11
C ALA A 142 -20.42 -0.97 20.80
N ASP A 143 -21.38 -1.88 20.96
CA ASP A 143 -21.14 -3.29 20.68
C ASP A 143 -20.90 -3.51 19.19
N LEU A 144 -21.39 -2.59 18.36
CA LEU A 144 -21.20 -2.69 16.93
C LEU A 144 -19.81 -2.21 16.48
N LEU A 145 -19.05 -1.69 17.43
CA LEU A 145 -17.75 -1.08 17.13
C LEU A 145 -16.66 -1.61 18.07
N PRO A 146 -16.51 -2.94 18.12
CA PRO A 146 -15.67 -3.59 19.11
C PRO A 146 -14.16 -3.33 18.96
N SER A 147 -13.72 -2.84 17.81
CA SER A 147 -12.29 -2.64 17.61
C SER A 147 -11.98 -1.24 17.07
N THR A 148 -12.92 -0.32 17.28
CA THR A 148 -12.83 1.06 16.76
C THR A 148 -12.30 2.06 17.79
N TYR A 149 -11.36 2.88 17.34
CA TYR A 149 -10.88 4.04 18.08
C TYR A 149 -11.44 5.30 17.45
N ILE A 150 -11.80 6.27 18.29
CA ILE A 150 -12.20 7.58 17.80
C ILE A 150 -11.07 8.55 18.08
N GLU A 151 -10.36 8.98 17.04
CA GLU A 151 -9.18 9.80 17.23
C GLU A 151 -9.56 11.10 17.93
N GLY A 152 -8.79 11.45 18.97
CA GLY A 152 -9.04 12.69 19.69
C GLY A 152 -9.77 12.49 21.01
N LEU A 153 -10.38 11.32 21.16
CA LEU A 153 -11.11 11.00 22.37
C LEU A 153 -10.48 9.80 23.07
N PRO A 154 -10.67 9.71 24.40
CA PRO A 154 -11.47 10.62 25.23
C PRO A 154 -10.76 11.94 25.50
N GLN A 155 -11.51 12.96 25.88
CA GLN A 155 -10.93 14.25 26.21
C GLN A 155 -11.79 14.94 27.27
N GLY A 156 -11.21 15.90 27.97
CA GLY A 156 -11.96 16.74 28.89
C GLY A 156 -12.13 16.15 30.29
N PRO A 157 -12.96 16.80 31.11
CA PRO A 157 -13.24 16.39 32.49
C PRO A 157 -14.14 15.15 32.57
N THR A 163 -9.35 4.93 33.65
CA THR A 163 -8.63 3.70 33.33
C THR A 163 -7.25 4.00 32.74
N VAL A 164 -6.28 3.16 33.11
CA VAL A 164 -4.90 3.36 32.69
C VAL A 164 -4.47 2.32 31.67
N GLN A 165 -5.44 1.56 31.15
CA GLN A 165 -5.17 0.51 30.17
C GLN A 165 -5.72 0.86 28.79
N LYS A 166 -5.05 0.37 27.75
CA LYS A 166 -5.38 0.75 26.38
C LYS A 166 -6.85 0.53 26.03
N GLU A 167 -7.38 -0.65 26.33
CA GLU A 167 -8.75 -0.97 25.95
C GLU A 167 -9.75 -0.08 26.69
N GLY A 168 -9.41 0.25 27.94
CA GLY A 168 -10.24 1.12 28.74
C GLY A 168 -10.36 2.49 28.11
N MET A 169 -9.24 3.00 27.61
CA MET A 169 -9.22 4.28 26.93
C MET A 169 -10.06 4.23 25.64
N ARG A 170 -9.90 3.15 24.88
CA ARG A 170 -10.64 3.01 23.63
C ARG A 170 -12.13 3.13 23.88
N LYS A 171 -12.62 2.39 24.87
CA LYS A 171 -14.05 2.40 25.18
C LYS A 171 -14.53 3.74 25.71
N GLN A 172 -13.71 4.39 26.53
CA GLN A 172 -14.07 5.71 27.05
C GLN A 172 -14.23 6.71 25.91
N GLY A 173 -13.32 6.65 24.94
CA GLY A 173 -13.39 7.55 23.80
C GLY A 173 -14.60 7.24 22.94
N LEU A 174 -14.84 5.95 22.70
CA LEU A 174 -16.00 5.52 21.93
C LEU A 174 -17.30 5.95 22.59
N PHE A 175 -17.37 5.82 23.92
CA PHE A 175 -18.57 6.21 24.65
C PHE A 175 -18.85 7.70 24.51
N GLN A 176 -17.82 8.53 24.62
CA GLN A 176 -17.99 9.96 24.49
C GLN A 176 -18.51 10.29 23.09
N TRP A 177 -17.94 9.64 22.09
CA TRP A 177 -18.31 9.89 20.71
C TRP A 177 -19.78 9.55 20.47
N LEU A 178 -20.19 8.37 20.92
CA LEU A 178 -21.55 7.89 20.69
C LEU A 178 -22.56 8.70 21.50
N ASP A 179 -22.16 9.08 22.71
CA ASP A 179 -23.04 9.88 23.56
C ASP A 179 -23.39 11.21 22.88
N SER A 180 -22.43 11.74 22.12
CA SER A 180 -22.60 13.05 21.49
C SER A 180 -23.26 12.97 20.11
N LEU A 181 -23.39 11.76 19.58
CA LEU A 181 -23.92 11.56 18.24
CA LEU A 181 -23.90 11.57 18.24
C LEU A 181 -25.39 11.92 18.11
N GLN A 182 -25.73 12.66 17.05
CA GLN A 182 -27.12 12.97 16.77
C GLN A 182 -27.66 12.07 15.67
N ILE A 183 -28.22 10.93 16.07
CA ILE A 183 -28.68 9.90 15.14
C ILE A 183 -29.95 10.33 14.42
N ASP A 184 -30.43 11.52 14.74
CA ASP A 184 -31.67 12.05 14.19
C ASP A 184 -31.50 12.46 12.73
N ASN A 185 -30.32 13.01 12.41
CA ASN A 185 -30.06 13.57 11.09
C ASN A 185 -29.27 12.63 10.18
N LEU A 186 -29.93 12.15 9.13
CA LEU A 186 -29.30 11.22 8.20
C LEU A 186 -28.20 11.85 7.35
N THR A 187 -28.02 13.16 7.49
CA THR A 187 -26.99 13.87 6.73
C THR A 187 -25.86 14.39 7.61
N SER A 188 -25.88 14.03 8.89
CA SER A 188 -24.77 14.38 9.79
C SER A 188 -23.52 13.63 9.36
N PRO A 189 -22.46 14.36 8.98
CA PRO A 189 -21.20 13.71 8.57
C PRO A 189 -20.64 12.79 9.65
N ASP A 190 -20.74 13.18 10.92
CA ASP A 190 -20.16 12.35 11.98
C ASP A 190 -20.93 11.04 12.08
N LEU A 191 -22.26 11.12 11.93
CA LEU A 191 -23.07 9.90 11.95
C LEU A 191 -22.69 9.00 10.79
N GLN A 192 -22.54 9.61 9.62
CA GLN A 192 -22.18 8.85 8.42
C GLN A 192 -20.85 8.13 8.60
N LEU A 193 -19.87 8.80 9.20
CA LEU A 193 -18.58 8.16 9.48
C LEU A 193 -18.76 6.98 10.45
N THR A 194 -19.64 7.15 11.43
CA THR A 194 -19.85 6.13 12.43
C THR A 194 -20.46 4.90 11.79
N VAL A 195 -21.43 5.10 10.91
CA VAL A 195 -22.05 3.97 10.23
C VAL A 195 -21.01 3.32 9.32
N GLY A 196 -20.17 4.15 8.69
CA GLY A 196 -19.05 3.63 7.92
C GLY A 196 -18.18 2.70 8.74
N ALA A 197 -17.87 3.12 9.97
CA ALA A 197 -17.04 2.31 10.84
C ALA A 197 -17.74 0.98 11.15
N VAL A 198 -19.06 1.00 11.31
CA VAL A 198 -19.78 -0.24 11.60
C VAL A 198 -19.64 -1.21 10.44
N ILE A 199 -19.73 -0.68 9.22
CA ILE A 199 -19.60 -1.51 8.02
C ILE A 199 -18.18 -2.05 7.88
N VAL A 200 -17.19 -1.23 8.22
CA VAL A 200 -15.79 -1.67 8.17
C VAL A 200 -15.51 -2.74 9.23
N GLU A 201 -16.15 -2.66 10.40
CA GLU A 201 -16.05 -3.74 11.38
C GLU A 201 -16.53 -5.03 10.73
N GLU A 202 -17.65 -4.95 10.03
CA GLU A 202 -18.23 -6.12 9.37
C GLU A 202 -17.32 -6.64 8.26
N MET A 203 -16.77 -5.73 7.47
CA MET A 203 -15.84 -6.11 6.40
C MET A 203 -14.62 -6.81 6.96
N ARG A 204 -14.04 -6.24 8.02
CA ARG A 204 -12.83 -6.81 8.60
C ARG A 204 -13.14 -8.16 9.25
N ALA A 205 -14.33 -8.32 9.79
CA ALA A 205 -14.70 -9.61 10.38
C ALA A 205 -14.79 -10.69 9.29
N ALA A 206 -15.38 -10.32 8.15
CA ALA A 206 -15.49 -11.24 7.02
C ALA A 206 -14.10 -11.62 6.50
N ILE A 207 -13.21 -10.65 6.38
CA ILE A 207 -11.86 -10.97 5.92
C ILE A 207 -11.22 -11.98 6.85
N GLU A 208 -11.33 -11.75 8.15
CA GLU A 208 -10.69 -12.66 9.08
C GLU A 208 -11.33 -14.04 9.09
N ARG A 209 -12.67 -14.08 9.08
CA ARG A 209 -13.39 -15.35 9.05
C ARG A 209 -13.02 -16.18 7.81
N GLU A 210 -12.97 -15.51 6.66
CA GLU A 210 -12.84 -16.22 5.40
C GLU A 210 -11.40 -16.46 4.92
N THR A 211 -10.42 -15.76 5.51
CA THR A 211 -9.04 -15.97 5.09
C THR A 211 -8.11 -16.29 6.25
N GLY A 212 -8.52 -15.97 7.46
CA GLY A 212 -7.64 -16.06 8.61
C GLY A 212 -6.79 -14.81 8.83
N PHE A 213 -6.84 -13.85 7.90
CA PHE A 213 -5.99 -12.67 7.98
C PHE A 213 -6.64 -11.52 8.75
N GLN A 214 -5.84 -10.85 9.58
CA GLN A 214 -6.26 -9.65 10.32
C GLN A 214 -5.75 -8.40 9.62
N CYS A 215 -6.45 -7.29 9.82
CA CYS A 215 -6.04 -6.04 9.21
C CYS A 215 -6.41 -4.86 10.09
N SER A 216 -5.90 -3.70 9.73
CA SER A 216 -6.33 -2.45 10.35
C SER A 216 -7.06 -1.64 9.29
N ALA A 217 -7.81 -0.63 9.73
CA ALA A 217 -8.49 0.24 8.77
C ALA A 217 -8.61 1.67 9.29
N GLY A 218 -8.69 2.63 8.38
CA GLY A 218 -9.02 3.99 8.73
C GLY A 218 -10.34 4.34 8.09
N ILE A 219 -11.18 5.09 8.80
CA ILE A 219 -12.43 5.61 8.24
C ILE A 219 -12.46 7.12 8.38
N SER A 220 -12.65 7.82 7.26
CA SER A 220 -12.74 9.27 7.30
C SER A 220 -13.48 9.77 6.08
N HIS A 221 -13.28 11.04 5.70
CA HIS A 221 -14.03 11.62 4.60
C HIS A 221 -13.30 11.61 3.25
N ASN A 222 -12.05 11.17 3.25
CA ASN A 222 -11.25 11.13 2.03
C ASN A 222 -10.10 10.12 2.17
N LYS A 223 -9.39 9.88 1.07
CA LYS A 223 -8.35 8.85 1.06
C LYS A 223 -7.17 9.19 1.96
N VAL A 224 -6.73 10.43 1.93
CA VAL A 224 -5.56 10.81 2.71
C VAL A 224 -5.80 10.66 4.22
N LEU A 225 -6.94 11.13 4.68
CA LEU A 225 -7.29 10.99 6.09
C LEU A 225 -7.55 9.54 6.47
N ALA A 226 -8.11 8.76 5.55
CA ALA A 226 -8.38 7.36 5.87
C ALA A 226 -7.07 6.59 6.03
N LYS A 227 -6.11 6.89 5.16
CA LYS A 227 -4.79 6.28 5.23
C LYS A 227 -4.09 6.69 6.53
N LEU A 228 -4.13 7.99 6.83
CA LEU A 228 -3.52 8.48 8.06
C LEU A 228 -4.17 7.80 9.26
N ALA A 229 -5.49 7.79 9.27
CA ALA A 229 -6.25 7.17 10.35
C ALA A 229 -5.84 5.71 10.55
N CYS A 230 -5.71 4.97 9.45
CA CYS A 230 -5.45 3.54 9.53
C CYS A 230 -4.18 3.24 10.36
N GLY A 231 -3.16 4.06 10.20
CA GLY A 231 -1.89 3.83 10.88
C GLY A 231 -1.89 4.21 12.35
N LEU A 232 -2.96 4.84 12.81
CA LEU A 232 -2.94 5.37 14.18
C LEU A 232 -3.06 4.28 15.24
N ASN A 233 -3.77 3.20 14.90
CA ASN A 233 -3.92 2.08 15.83
C ASN A 233 -3.78 0.73 15.15
N LYS A 234 -2.55 0.34 14.89
CA LYS A 234 -2.24 -0.98 14.35
C LYS A 234 -1.60 -1.80 15.47
N PRO A 235 -1.76 -3.13 15.42
CA PRO A 235 -2.49 -3.90 14.41
C PRO A 235 -3.90 -4.26 14.86
N ASN A 236 -4.68 -4.83 13.94
CA ASN A 236 -5.97 -5.42 14.28
C ASN A 236 -6.95 -4.45 14.94
N ARG A 237 -6.88 -3.18 14.55
CA ARG A 237 -7.82 -2.16 15.04
C ARG A 237 -8.20 -1.21 13.92
N GLN A 238 -9.26 -0.44 14.11
CA GLN A 238 -9.64 0.56 13.12
C GLN A 238 -9.89 1.89 13.78
N THR A 239 -9.67 2.96 13.03
CA THR A 239 -9.68 4.31 13.60
C THR A 239 -10.54 5.24 12.75
N LEU A 240 -11.42 5.97 13.42
CA LEU A 240 -12.30 6.93 12.77
C LEU A 240 -11.71 8.31 13.01
N VAL A 241 -11.42 9.03 11.94
CA VAL A 241 -10.92 10.39 12.04
C VAL A 241 -11.99 11.33 11.51
N SER A 242 -12.65 12.05 12.40
CA SER A 242 -13.71 12.95 11.99
C SER A 242 -13.13 14.27 11.48
N HIS A 243 -13.95 15.05 10.79
CA HIS A 243 -13.50 16.35 10.31
C HIS A 243 -13.08 17.22 11.49
N GLY A 244 -13.85 17.14 12.57
CA GLY A 244 -13.59 17.95 13.76
C GLY A 244 -12.28 17.62 14.44
N SER A 245 -11.81 16.39 14.26
CA SER A 245 -10.58 15.95 14.90
C SER A 245 -9.34 16.50 14.20
N VAL A 246 -9.53 17.06 13.01
CA VAL A 246 -8.37 17.46 12.21
C VAL A 246 -7.45 18.56 12.80
N PRO A 247 -8.02 19.68 13.28
CA PRO A 247 -7.11 20.70 13.81
C PRO A 247 -6.18 20.18 14.91
N GLN A 248 -6.67 19.43 15.87
CA GLN A 248 -5.79 18.94 16.92
C GLN A 248 -4.82 17.89 16.38
N LEU A 249 -5.33 16.96 15.57
CA LEU A 249 -4.50 15.90 14.99
C LEU A 249 -3.34 16.49 14.17
N PHE A 250 -3.63 17.53 13.39
CA PHE A 250 -2.62 18.08 12.52
C PHE A 250 -1.66 19.01 13.25
N SER A 251 -2.03 19.44 14.46
CA SER A 251 -1.26 20.47 15.15
C SER A 251 0.13 19.99 15.53
N GLN A 252 0.29 18.68 15.70
CA GLN A 252 1.60 18.11 16.00
C GLN A 252 1.96 16.98 15.04
N MET A 253 1.39 16.98 13.84
CA MET A 253 1.61 15.91 12.88
C MET A 253 2.74 16.29 11.92
N PRO A 254 3.86 15.56 11.97
CA PRO A 254 4.91 15.92 11.02
C PRO A 254 4.41 15.83 9.58
N ILE A 255 4.79 16.83 8.78
CA ILE A 255 4.37 16.89 7.39
C ILE A 255 4.60 15.57 6.63
N ARG A 256 5.73 14.90 6.89
CA ARG A 256 6.11 13.70 6.15
C ARG A 256 5.15 12.54 6.39
N LYS A 257 4.27 12.67 7.39
CA LYS A 257 3.36 11.55 7.68
C LYS A 257 2.20 11.48 6.71
N ILE A 258 1.93 12.58 6.01
CA ILE A 258 0.78 12.64 5.11
C ILE A 258 1.16 12.04 3.75
N ARG A 259 0.27 11.22 3.18
CA ARG A 259 0.60 10.54 1.92
C ARG A 259 0.92 11.52 0.78
N SER A 260 2.09 11.31 0.17
CA SER A 260 2.63 12.11 -0.95
C SER A 260 3.63 13.14 -0.46
N LEU A 261 3.71 13.34 0.85
CA LEU A 261 4.64 14.32 1.41
C LEU A 261 5.80 13.66 2.16
N GLY A 262 5.96 12.35 1.98
CA GLY A 262 7.01 11.61 2.67
C GLY A 262 8.39 11.71 2.03
N GLY A 263 8.48 12.45 0.94
CA GLY A 263 9.72 12.56 0.17
C GLY A 263 10.22 13.97 -0.05
N LYS A 264 10.75 14.24 -1.25
CA LYS A 264 11.34 15.53 -1.57
C LYS A 264 10.39 16.71 -1.46
N LEU A 265 9.15 16.55 -1.91
CA LEU A 265 8.17 17.63 -1.82
C LEU A 265 7.91 18.02 -0.37
N GLY A 266 7.69 17.03 0.49
CA GLY A 266 7.46 17.33 1.89
C GLY A 266 8.64 18.03 2.52
N ALA A 267 9.84 17.60 2.12
CA ALA A 267 11.05 18.23 2.63
C ALA A 267 11.14 19.69 2.17
N SER A 268 10.70 19.94 0.93
CA SER A 268 10.71 21.30 0.42
C SER A 268 9.69 22.17 1.15
N VAL A 269 8.52 21.61 1.45
CA VAL A 269 7.50 22.36 2.19
C VAL A 269 8.08 22.82 3.52
N ILE A 270 8.75 21.90 4.20
CA ILE A 270 9.36 22.18 5.49
C ILE A 270 10.44 23.25 5.40
N GLU A 271 11.31 23.11 4.40
CA GLU A 271 12.46 24.00 4.27
C GLU A 271 12.05 25.40 3.82
N ILE A 272 11.19 25.46 2.81
CA ILE A 272 10.79 26.73 2.21
C ILE A 272 9.91 27.54 3.15
N LEU A 273 8.98 26.87 3.82
CA LEU A 273 8.03 27.57 4.69
C LEU A 273 8.51 27.72 6.12
N GLY A 274 9.53 26.95 6.49
CA GLY A 274 10.05 26.98 7.85
C GLY A 274 9.04 26.49 8.88
N ILE A 275 8.35 25.41 8.54
CA ILE A 275 7.38 24.81 9.46
C ILE A 275 7.70 23.32 9.63
N GLU A 276 7.02 22.68 10.56
CA GLU A 276 7.24 21.26 10.83
C GLU A 276 5.95 20.42 10.76
N TYR A 277 4.83 21.02 11.11
CA TYR A 277 3.58 20.26 11.28
C TYR A 277 2.55 20.62 10.24
N MET A 278 1.70 19.65 9.91
CA MET A 278 0.69 19.84 8.89
C MET A 278 -0.22 21.04 9.18
N GLY A 279 -0.61 21.21 10.44
CA GLY A 279 -1.51 22.30 10.80
C GLY A 279 -0.96 23.69 10.49
N GLU A 280 0.37 23.82 10.52
CA GLU A 280 0.99 25.11 10.30
C GLU A 280 0.75 25.62 8.88
N LEU A 281 0.36 24.71 7.99
CA LEU A 281 0.10 25.10 6.60
C LEU A 281 -1.10 26.03 6.45
N THR A 282 -2.01 26.02 7.41
CA THR A 282 -3.23 26.82 7.30
C THR A 282 -2.98 28.33 7.22
N GLN A 283 -1.79 28.76 7.63
CA GLN A 283 -1.50 30.20 7.71
C GLN A 283 -1.06 30.83 6.40
N PHE A 284 -0.98 30.03 5.34
CA PHE A 284 -0.58 30.52 4.03
C PHE A 284 -1.78 30.59 3.10
N THR A 285 -1.81 31.56 2.20
CA THR A 285 -2.91 31.64 1.25
C THR A 285 -2.74 30.54 0.20
N GLU A 286 -3.81 30.23 -0.52
CA GLU A 286 -3.70 29.26 -1.60
C GLU A 286 -2.64 29.71 -2.63
N SER A 287 -2.63 31.01 -2.96
CA SER A 287 -1.69 31.54 -3.95
C SER A 287 -0.26 31.43 -3.47
N GLN A 288 -0.04 31.67 -2.17
CA GLN A 288 1.29 31.52 -1.61
C GLN A 288 1.80 30.08 -1.80
N LEU A 289 0.93 29.12 -1.52
CA LEU A 289 1.33 27.72 -1.63
C LEU A 289 1.56 27.34 -3.09
N GLN A 290 0.73 27.88 -3.98
CA GLN A 290 0.90 27.61 -5.40
C GLN A 290 2.19 28.22 -5.91
N SER A 291 2.58 29.34 -5.33
CA SER A 291 3.80 30.04 -5.75
C SER A 291 5.05 29.21 -5.51
N HIS A 292 5.05 28.39 -4.47
CA HIS A 292 6.23 27.59 -4.14
C HIS A 292 6.15 26.19 -4.74
N PHE A 293 4.96 25.61 -4.74
CA PHE A 293 4.84 24.18 -5.02
C PHE A 293 4.05 23.87 -6.28
N GLY A 294 3.67 24.91 -7.02
CA GLY A 294 2.91 24.73 -8.24
C GLY A 294 1.42 24.81 -8.01
N GLU A 295 0.67 25.04 -9.09
CA GLU A 295 -0.77 25.21 -9.03
C GLU A 295 -1.47 24.01 -8.41
N LYS A 296 -1.13 22.82 -8.90
CA LYS A 296 -1.80 21.61 -8.46
C LYS A 296 -1.46 21.30 -6.99
N ASN A 297 -0.18 21.21 -6.67
CA ASN A 297 0.24 20.91 -5.30
C ASN A 297 -0.21 21.97 -4.31
N GLY A 298 -0.18 23.22 -4.75
CA GLY A 298 -0.53 24.33 -3.88
C GLY A 298 -1.98 24.27 -3.48
N SER A 299 -2.85 24.03 -4.46
CA SER A 299 -4.28 23.88 -4.16
C SER A 299 -4.52 22.65 -3.30
N TRP A 300 -3.80 21.57 -3.60
CA TRP A 300 -3.95 20.35 -2.83
C TRP A 300 -3.57 20.57 -1.36
N LEU A 301 -2.43 21.23 -1.14
CA LEU A 301 -1.96 21.52 0.22
C LEU A 301 -2.91 22.44 0.96
N TYR A 302 -3.43 23.45 0.28
CA TYR A 302 -4.35 24.39 0.89
C TYR A 302 -5.57 23.67 1.47
N ALA A 303 -6.17 22.80 0.67
CA ALA A 303 -7.30 22.02 1.13
C ALA A 303 -6.90 20.93 2.14
N MET A 304 -5.80 20.23 1.88
CA MET A 304 -5.45 19.08 2.71
C MET A 304 -5.17 19.46 4.16
N CYS A 305 -4.53 20.59 4.38
CA CYS A 305 -4.18 20.98 5.75
C CYS A 305 -5.44 21.34 6.55
N ARG A 306 -6.55 21.49 5.84
CA ARG A 306 -7.85 21.71 6.47
C ARG A 306 -8.68 20.43 6.52
N GLY A 307 -8.07 19.31 6.13
CA GLY A 307 -8.71 18.01 6.18
C GLY A 307 -9.53 17.70 4.94
N ILE A 308 -9.32 18.49 3.89
CA ILE A 308 -10.13 18.38 2.68
C ILE A 308 -9.32 17.88 1.48
N GLU A 309 -9.87 16.91 0.76
CA GLU A 309 -9.18 16.32 -0.38
C GLU A 309 -10.22 15.61 -1.24
N HIS A 310 -10.05 15.66 -2.56
CA HIS A 310 -11.12 15.19 -3.44
C HIS A 310 -10.78 14.01 -4.34
N ASP A 311 -9.55 13.50 -4.25
CA ASP A 311 -9.17 12.35 -5.07
C ASP A 311 -10.20 11.23 -4.95
N PRO A 312 -10.78 10.78 -6.07
CA PRO A 312 -11.83 9.75 -5.92
C PRO A 312 -11.27 8.36 -5.69
N VAL A 313 -12.08 7.50 -5.08
CA VAL A 313 -11.75 6.08 -5.01
C VAL A 313 -12.01 5.55 -6.40
N LYS A 314 -10.95 5.14 -7.09
CA LYS A 314 -11.08 4.67 -8.46
C LYS A 314 -11.60 3.25 -8.48
N PRO A 315 -12.55 2.97 -9.38
CA PRO A 315 -13.07 1.62 -9.55
C PRO A 315 -12.04 0.74 -10.25
N ARG A 316 -11.11 0.19 -9.47
CA ARG A 316 -10.07 -0.66 -10.05
C ARG A 316 -9.55 -1.67 -9.04
N GLN A 317 -9.84 -2.94 -9.30
CA GLN A 317 -9.47 -4.02 -8.40
C GLN A 317 -8.21 -4.76 -8.87
N LEU A 318 -7.94 -4.66 -10.17
CA LEU A 318 -6.79 -5.36 -10.77
C LEU A 318 -5.61 -4.43 -10.98
N PRO A 319 -4.40 -4.95 -10.83
CA PRO A 319 -3.22 -4.14 -11.19
C PRO A 319 -3.20 -3.78 -12.68
N LYS A 320 -2.66 -2.61 -13.02
CA LYS A 320 -2.60 -2.08 -14.39
C LYS A 320 -1.39 -2.59 -15.15
N THR A 321 -0.44 -3.16 -14.44
CA THR A 321 0.79 -3.66 -15.04
C THR A 321 1.17 -4.98 -14.37
N ILE A 322 1.90 -5.80 -15.11
CA ILE A 322 2.42 -7.05 -14.58
C ILE A 322 3.89 -7.08 -14.95
N GLY A 323 4.75 -7.01 -13.95
CA GLY A 323 6.17 -6.94 -14.21
C GLY A 323 7.00 -7.88 -13.38
N CYS A 324 8.24 -8.07 -13.80
CA CYS A 324 9.21 -8.93 -13.11
CA CYS A 324 9.18 -8.80 -12.98
C CYS A 324 10.58 -8.27 -13.21
N SER A 325 11.37 -8.32 -12.15
CA SER A 325 12.70 -7.74 -12.23
C SER A 325 13.68 -8.50 -11.36
N LYS A 326 14.96 -8.30 -11.65
CA LYS A 326 15.99 -8.89 -10.83
C LYS A 326 17.23 -8.02 -10.87
N ASN A 327 17.81 -7.79 -9.70
CA ASN A 327 19.10 -7.11 -9.57
C ASN A 327 20.24 -8.10 -9.68
N PHE A 328 21.36 -7.62 -10.20
CA PHE A 328 22.59 -8.39 -10.30
C PHE A 328 23.70 -7.53 -9.71
N PRO A 329 23.79 -7.49 -8.38
CA PRO A 329 24.62 -6.56 -7.63
C PRO A 329 26.12 -6.88 -7.67
N GLY A 330 26.93 -5.87 -7.38
CA GLY A 330 28.37 -6.03 -7.26
C GLY A 330 29.02 -6.94 -8.27
N LYS A 331 29.39 -8.13 -7.82
CA LYS A 331 30.17 -9.06 -8.62
C LYS A 331 29.31 -9.82 -9.64
N THR A 332 28.01 -9.92 -9.37
CA THR A 332 27.13 -10.73 -10.20
C THR A 332 26.64 -9.99 -11.45
N ALA A 333 27.04 -8.72 -11.60
CA ALA A 333 26.62 -7.92 -12.74
C ALA A 333 26.84 -8.65 -14.07
N LEU A 334 25.78 -8.73 -14.87
CA LEU A 334 25.84 -9.42 -16.15
C LEU A 334 26.82 -8.74 -17.10
N ALA A 335 27.80 -9.50 -17.59
CA ALA A 335 28.88 -8.93 -18.39
C ALA A 335 29.06 -9.60 -19.76
N THR A 336 28.15 -10.51 -20.10
CA THR A 336 28.20 -11.18 -21.40
C THR A 336 26.83 -11.25 -22.05
N ARG A 337 26.78 -10.96 -23.35
CA ARG A 337 25.54 -11.03 -24.11
C ARG A 337 24.75 -12.30 -23.78
N GLU A 338 25.46 -13.42 -23.63
CA GLU A 338 24.85 -14.70 -23.29
C GLU A 338 24.10 -14.64 -21.95
N GLN A 339 24.75 -14.06 -20.94
CA GLN A 339 24.12 -13.91 -19.63
C GLN A 339 22.86 -13.06 -19.75
N VAL A 340 23.01 -11.89 -20.35
CA VAL A 340 21.89 -10.98 -20.57
C VAL A 340 20.71 -11.71 -21.21
N GLN A 341 21.02 -12.59 -22.14
CA GLN A 341 19.99 -13.33 -22.87
C GLN A 341 19.31 -14.40 -22.03
N TRP A 342 20.09 -15.10 -21.21
CA TRP A 342 19.52 -16.16 -20.39
C TRP A 342 18.61 -15.59 -19.31
N TRP A 343 19.05 -14.51 -18.68
CA TRP A 343 18.27 -13.91 -17.61
C TRP A 343 17.01 -13.22 -18.14
N LEU A 344 17.11 -12.59 -19.30
CA LEU A 344 15.92 -12.01 -19.91
C LEU A 344 14.90 -13.11 -20.16
N LEU A 345 15.38 -14.28 -20.57
CA LEU A 345 14.49 -15.42 -20.77
C LEU A 345 13.83 -15.89 -19.47
N GLN A 346 14.58 -15.92 -18.38
CA GLN A 346 14.00 -16.36 -17.12
C GLN A 346 12.85 -15.42 -16.74
N LEU A 347 13.12 -14.12 -16.83
CA LEU A 347 12.13 -13.10 -16.51
C LEU A 347 10.92 -13.25 -17.42
N ALA A 348 11.18 -13.51 -18.69
CA ALA A 348 10.11 -13.60 -19.68
C ALA A 348 9.24 -14.82 -19.46
N GLN A 349 9.83 -15.88 -18.93
CA GLN A 349 9.08 -17.10 -18.66
C GLN A 349 8.16 -16.90 -17.44
N GLU A 350 8.62 -16.16 -16.44
CA GLU A 350 7.74 -15.85 -15.33
C GLU A 350 6.61 -14.94 -15.81
N LEU A 351 6.98 -13.91 -16.57
CA LEU A 351 6.00 -12.98 -17.12
C LEU A 351 4.96 -13.70 -17.98
N GLU A 352 5.41 -14.59 -18.86
CA GLU A 352 4.46 -15.36 -19.67
C GLU A 352 3.48 -16.13 -18.81
N GLU A 353 3.97 -16.74 -17.73
CA GLU A 353 3.11 -17.54 -16.88
C GLU A 353 2.03 -16.68 -16.21
N ARG A 354 2.46 -15.50 -15.75
CA ARG A 354 1.55 -14.62 -15.03
C ARG A 354 0.58 -13.96 -16.00
N LEU A 355 1.05 -13.65 -17.21
CA LEU A 355 0.18 -13.06 -18.22
C LEU A 355 -0.90 -14.02 -18.69
N THR A 356 -0.51 -15.27 -18.93
CA THR A 356 -1.48 -16.26 -19.39
C THR A 356 -2.57 -16.47 -18.34
N LYS A 357 -2.18 -16.54 -17.07
CA LYS A 357 -3.17 -16.66 -16.01
C LYS A 357 -4.04 -15.41 -15.96
N ASP A 358 -3.42 -14.25 -16.15
CA ASP A 358 -4.17 -13.00 -16.09
C ASP A 358 -5.21 -12.93 -17.22
N ARG A 359 -4.85 -13.42 -18.39
CA ARG A 359 -5.74 -13.38 -19.54
C ARG A 359 -6.94 -14.30 -19.34
N ASN A 360 -6.70 -15.47 -18.76
CA ASN A 360 -7.78 -16.41 -18.47
C ASN A 360 -8.73 -15.94 -17.38
N ASP A 361 -8.18 -15.31 -16.36
CA ASP A 361 -8.98 -14.88 -15.22
C ASP A 361 -9.74 -13.59 -15.50
N ASN A 362 -9.09 -12.67 -16.21
CA ASN A 362 -9.54 -11.29 -16.24
C ASN A 362 -9.95 -10.75 -17.60
N ASP A 363 -9.97 -11.62 -18.61
CA ASP A 363 -10.47 -11.24 -19.93
C ASP A 363 -9.81 -9.98 -20.48
N ARG A 364 -8.49 -9.97 -20.48
CA ARG A 364 -7.74 -8.83 -20.99
C ARG A 364 -6.38 -9.30 -21.47
N VAL A 365 -5.76 -8.50 -22.33
CA VAL A 365 -4.45 -8.80 -22.85
C VAL A 365 -3.57 -7.56 -22.83
N ALA A 366 -2.32 -7.73 -22.39
CA ALA A 366 -1.34 -6.67 -22.44
C ALA A 366 -0.89 -6.43 -23.87
N THR A 367 -0.64 -5.18 -24.23
CA THR A 367 -0.26 -4.88 -25.62
C THR A 367 1.12 -4.26 -25.75
N GLN A 368 1.74 -3.94 -24.62
CA GLN A 368 3.04 -3.29 -24.66
C GLN A 368 3.99 -3.94 -23.68
N LEU A 369 5.21 -4.18 -24.13
CA LEU A 369 6.25 -4.73 -23.27
C LEU A 369 7.29 -3.65 -22.99
N VAL A 370 7.48 -3.33 -21.72
CA VAL A 370 8.46 -2.34 -21.31
C VAL A 370 9.71 -3.02 -20.80
N VAL A 371 10.86 -2.62 -21.33
CA VAL A 371 12.14 -3.23 -20.96
C VAL A 371 13.02 -2.18 -20.31
N SER A 372 13.54 -2.49 -19.12
CA SER A 372 14.33 -1.53 -18.38
C SER A 372 15.57 -2.20 -17.82
N ILE A 373 16.67 -1.47 -17.81
CA ILE A 373 17.92 -2.02 -17.27
C ILE A 373 18.65 -0.96 -16.46
N ARG A 374 19.61 -1.41 -15.67
CA ARG A 374 20.47 -0.51 -14.94
C ARG A 374 21.90 -0.83 -15.33
N VAL A 375 22.74 0.21 -15.42
CA VAL A 375 24.15 0.05 -15.73
C VAL A 375 24.97 0.31 -14.47
N GLN A 376 26.03 -0.46 -14.28
CA GLN A 376 26.85 -0.33 -13.09
C GLN A 376 27.32 1.12 -12.87
N GLY A 377 27.15 1.61 -11.65
CA GLY A 377 27.62 2.94 -11.31
C GLY A 377 26.53 3.99 -11.19
N ASP A 378 25.44 3.79 -11.91
CA ASP A 378 24.32 4.73 -11.87
C ASP A 378 23.62 4.64 -10.53
N LYS A 379 23.40 5.80 -9.89
CA LYS A 379 22.73 5.81 -8.58
C LYS A 379 21.21 5.69 -8.75
N ARG A 380 20.75 5.88 -9.98
CA ARG A 380 19.33 5.76 -10.29
C ARG A 380 18.88 4.31 -10.35
N LEU A 381 17.73 4.02 -9.77
CA LEU A 381 17.15 2.68 -9.83
C LEU A 381 17.15 2.16 -11.26
N SER A 382 16.65 2.99 -12.18
CA SER A 382 16.65 2.65 -13.60
C SER A 382 17.57 3.58 -14.38
N SER A 383 18.27 3.03 -15.36
CA SER A 383 19.17 3.80 -16.19
C SER A 383 18.60 3.97 -17.58
N LEU A 384 17.50 3.27 -17.87
CA LEU A 384 16.98 3.21 -19.22
C LEU A 384 15.65 2.48 -19.27
N ARG A 385 14.82 2.84 -20.24
CA ARG A 385 13.51 2.22 -20.42
C ARG A 385 13.07 2.32 -21.87
N ARG A 386 12.81 1.18 -22.49
CA ARG A 386 12.36 1.16 -23.88
C ARG A 386 11.19 0.21 -24.04
N CYS A 387 10.28 0.53 -24.96
CA CYS A 387 9.10 -0.30 -25.15
CA CYS A 387 9.09 -0.28 -25.17
C CYS A 387 9.01 -0.89 -26.55
N CYS A 388 8.35 -2.03 -26.66
CA CYS A 388 8.08 -2.66 -27.94
C CYS A 388 6.73 -3.34 -27.86
N ALA A 389 6.21 -3.77 -29.00
CA ALA A 389 4.89 -4.37 -29.04
C ALA A 389 4.86 -5.72 -28.34
N LEU A 390 3.83 -5.95 -27.53
CA LEU A 390 3.62 -7.26 -26.93
C LEU A 390 2.48 -7.90 -27.72
N THR A 391 2.83 -8.71 -28.72
CA THR A 391 1.82 -9.23 -29.64
C THR A 391 1.49 -10.70 -29.41
N ARG A 392 2.40 -11.41 -28.75
CA ARG A 392 2.17 -12.82 -28.39
C ARG A 392 2.66 -13.11 -26.97
N TYR A 393 1.88 -13.89 -26.24
CA TYR A 393 2.28 -14.33 -24.92
C TYR A 393 3.23 -15.51 -25.09
N ASP A 394 4.47 -15.19 -25.47
CA ASP A 394 5.48 -16.22 -25.73
C ASP A 394 6.81 -15.79 -25.11
N ALA A 395 7.28 -16.54 -24.13
CA ALA A 395 8.47 -16.14 -23.37
C ALA A 395 9.68 -15.95 -24.27
N HIS A 396 9.90 -16.88 -25.21
CA HIS A 396 11.04 -16.77 -26.10
C HIS A 396 10.98 -15.52 -26.98
N LYS A 397 9.78 -15.23 -27.50
CA LYS A 397 9.59 -14.03 -28.31
C LYS A 397 9.75 -12.74 -27.50
N MET A 398 9.14 -12.69 -26.32
CA MET A 398 9.27 -11.52 -25.47
C MET A 398 10.73 -11.25 -25.11
N SER A 399 11.46 -12.31 -24.72
CA SER A 399 12.85 -12.14 -24.32
C SER A 399 13.75 -11.77 -25.50
N HIS A 400 13.40 -12.26 -26.69
CA HIS A 400 14.17 -11.89 -27.87
C HIS A 400 13.93 -10.42 -28.24
N ASP A 401 12.68 -9.99 -28.14
CA ASP A 401 12.32 -8.61 -28.45
C ASP A 401 12.94 -7.64 -27.45
N ALA A 402 12.96 -8.04 -26.19
CA ALA A 402 13.55 -7.22 -25.13
C ALA A 402 15.04 -7.02 -25.40
N PHE A 403 15.72 -8.10 -25.79
CA PHE A 403 17.14 -8.01 -26.13
C PHE A 403 17.32 -7.04 -27.29
N THR A 404 16.69 -7.35 -28.42
CA THR A 404 16.74 -6.49 -29.60
C THR A 404 16.64 -5.01 -29.22
N VAL A 405 15.78 -4.72 -28.25
CA VAL A 405 15.52 -3.35 -27.84
C VAL A 405 16.63 -2.73 -26.99
N ILE A 406 17.39 -3.56 -26.27
CA ILE A 406 18.44 -3.05 -25.39
C ILE A 406 19.86 -3.31 -25.90
N LYS A 407 20.00 -4.19 -26.88
CA LYS A 407 21.32 -4.61 -27.36
C LYS A 407 22.22 -3.45 -27.76
N ASN A 408 21.61 -2.32 -28.12
CA ASN A 408 22.37 -1.14 -28.54
C ASN A 408 23.02 -0.40 -27.37
N CYS A 409 22.91 -0.96 -26.17
CA CYS A 409 23.46 -0.32 -24.99
C CYS A 409 24.86 -0.84 -24.70
N ASN A 410 25.18 -1.97 -25.32
CA ASN A 410 26.49 -2.58 -25.15
C ASN A 410 27.61 -1.75 -25.80
N THR A 411 28.36 -1.04 -24.98
CA THR A 411 29.45 -0.19 -25.46
C THR A 411 30.67 -1.03 -25.88
N SER A 412 30.60 -2.32 -25.60
CA SER A 412 31.69 -3.23 -25.93
C SER A 412 32.13 -3.09 -27.37
N GLY A 413 33.37 -3.49 -27.65
CA GLY A 413 33.86 -3.57 -29.01
C GLY A 413 33.83 -5.03 -29.44
N ILE A 414 34.18 -5.91 -28.51
CA ILE A 414 34.12 -7.34 -28.73
C ILE A 414 32.67 -7.80 -28.69
N GLN A 415 32.18 -8.27 -29.84
CA GLN A 415 30.79 -8.68 -29.99
C GLN A 415 30.25 -9.39 -28.75
N THR A 416 30.96 -10.42 -28.31
CA THR A 416 30.49 -11.34 -27.27
C THR A 416 30.19 -10.69 -25.91
N GLU A 417 31.04 -9.77 -25.48
CA GLU A 417 30.96 -9.22 -24.12
C GLU A 417 29.94 -8.09 -23.98
N TRP A 418 29.65 -7.71 -22.74
CA TRP A 418 28.74 -6.60 -22.48
C TRP A 418 29.36 -5.55 -21.55
N SER A 419 29.32 -4.29 -21.96
CA SER A 419 29.88 -3.21 -21.15
C SER A 419 29.08 -1.92 -21.27
N PRO A 420 28.88 -1.22 -20.14
CA PRO A 420 29.27 -1.74 -18.83
C PRO A 420 28.29 -2.79 -18.35
N PRO A 421 28.70 -3.64 -17.40
CA PRO A 421 27.82 -4.71 -16.87
C PRO A 421 26.45 -4.17 -16.47
N LEU A 422 25.44 -5.02 -16.57
CA LEU A 422 24.08 -4.67 -16.18
C LEU A 422 23.79 -5.15 -14.76
N THR A 423 23.29 -4.26 -13.93
CA THR A 423 23.04 -4.58 -12.53
C THR A 423 21.54 -4.73 -12.22
N MET A 424 20.69 -4.55 -13.23
CA MET A 424 19.25 -4.81 -13.08
C MET A 424 18.60 -5.08 -14.43
N LEU A 425 17.70 -6.06 -14.46
CA LEU A 425 16.83 -6.31 -15.60
C LEU A 425 15.38 -6.21 -15.16
N PHE A 426 14.52 -5.64 -16.01
CA PHE A 426 13.11 -5.43 -15.68
C PHE A 426 12.25 -5.58 -16.93
N LEU A 427 11.26 -6.46 -16.88
CA LEU A 427 10.27 -6.63 -17.95
C LEU A 427 8.90 -6.35 -17.39
N CYS A 428 8.12 -5.53 -18.09
CA CYS A 428 6.80 -5.17 -17.60
C CYS A 428 5.77 -5.16 -18.73
N ALA A 429 4.67 -5.85 -18.52
CA ALA A 429 3.58 -5.88 -19.48
C ALA A 429 2.57 -4.79 -19.10
N THR A 430 2.16 -4.00 -20.09
CA THR A 430 1.32 -2.83 -19.83
C THR A 430 0.28 -2.63 -20.93
N LYS A 431 -0.54 -1.60 -20.76
CA LYS A 431 -1.51 -1.22 -21.79
C LYS A 431 -2.46 -2.36 -22.13
N PHE A 432 -3.28 -2.75 -21.16
CA PHE A 432 -4.23 -3.84 -21.34
C PHE A 432 -5.42 -3.41 -22.18
N SER A 433 -5.92 -4.35 -22.97
CA SER A 433 -7.16 -4.17 -23.72
C SER A 433 -8.04 -5.36 -23.41
N ALA A 434 -9.36 -5.19 -23.54
CA ALA A 434 -10.29 -6.27 -23.29
C ALA A 434 -10.09 -7.38 -24.31
N SER A 435 -10.26 -8.63 -23.88
CA SER A 435 -10.15 -9.77 -24.79
C SER A 435 -11.19 -10.84 -24.45
CA CA D . 0.16 -3.76 5.55
C1 GOL E . -2.49 24.05 14.48
O1 GOL E . -1.55 24.35 13.49
C2 GOL E . -3.76 23.44 13.88
O2 GOL E . -3.45 22.19 13.33
C3 GOL E . -4.37 24.31 12.78
O3 GOL E . -5.62 23.76 12.39
C1 GOL F . 4.21 -28.95 7.48
O1 GOL F . 4.98 -28.72 6.31
C2 GOL F . 4.50 -27.88 8.53
O2 GOL F . 4.91 -26.68 7.89
C3 GOL F . 3.25 -27.60 9.34
O3 GOL F . 3.52 -26.70 10.40
PG DTP G . 2.06 -3.39 8.53
O1G DTP G . 2.92 -2.30 9.13
O2G DTP G . 1.37 -4.26 9.55
O3G DTP G . 1.17 -2.91 7.43
PB DTP G . 3.27 -4.93 6.39
O1B DTP G . 1.90 -5.31 5.91
O2B DTP G . 4.33 -6.00 6.41
O3B DTP G . 3.20 -4.37 7.90
PA DTP G . 3.35 -2.95 4.27
O1A DTP G . 4.27 -1.77 4.07
O2A DTP G . 1.89 -2.65 4.36
O3A DTP G . 3.86 -3.66 5.63
O5' DTP G . 3.64 -3.97 3.06
C5' DTP G . 2.78 -5.06 2.75
C4' DTP G . 3.62 -6.18 2.16
O4' DTP G . 4.35 -5.73 1.02
C3' DTP G . 4.69 -6.59 3.17
O3' DTP G . 4.22 -7.58 4.10
C2' DTP G . 5.81 -7.11 2.28
C1' DTP G . 5.69 -6.24 1.03
N9 DTP G . 6.61 -5.08 1.07
C8 DTP G . 6.40 -3.88 1.65
N7 DTP G . 7.49 -3.11 1.44
C5 DTP G . 8.37 -3.83 0.71
C6 DTP G . 9.64 -3.59 0.19
N6 DTP G . 10.23 -2.38 0.38
N1 DTP G . 10.27 -4.57 -0.51
C2 DTP G . 9.68 -5.75 -0.71
N3 DTP G . 8.46 -6.02 -0.23
C4 DTP G . 7.79 -5.08 0.48
#